data_5OUO
#
_entry.id   5OUO
#
_cell.length_a   100.760
_cell.length_b   50.210
_cell.length_c   52.280
_cell.angle_alpha   90.00
_cell.angle_beta   90.96
_cell.angle_gamma   90.00
#
_symmetry.space_group_name_H-M   'C 1 2 1'
#
loop_
_entity.id
_entity.type
_entity.pdbx_description
1 polymer 'Perforin-like protein 1'
2 non-polymer 'MAGNESIUM ION'
3 non-polymer 'CHLORIDE ION'
4 water water
#
_entity_poly.entity_id   1
_entity_poly.type   'polypeptide(L)'
_entity_poly.pdbx_seq_one_letter_code
;ETGRNLPKQLTQATQVAWSGPPPGFAKCPGGQVVILGFAMHLNFKEPGTDNFRIISCPPGREKCDGVGTASSETDEGRIY
ILCGEEPINEIQQVVAESPAHAGASVLEASCPDETVVVGGFGISVRGGSDGLDSFSIESCTTGQTICTKAPTRGSEKNFL
WMMCVDKQYPGLRELVNVAELGSHGNANKRAVNSDGNVDVKCPANSSIVLGYVMEAHTNMQFVRDKFLQCPENASECKMT
GKGVDHGMLWLFDRHALFGWIICKTVNEGTKHHHHHH
;
_entity_poly.pdbx_strand_id   A
#
loop_
_chem_comp.id
_chem_comp.type
_chem_comp.name
_chem_comp.formula
CL non-polymer 'CHLORIDE ION' 'Cl -1'
MG non-polymer 'MAGNESIUM ION' 'Mg 2'
#
# COMPACT_ATOMS: atom_id res chain seq x y z
N ARG A 4 11.37 9.23 21.20
CA ARG A 4 10.50 8.82 22.30
C ARG A 4 10.33 7.29 22.30
N ASN A 5 9.41 6.78 21.50
CA ASN A 5 9.14 5.35 21.42
C ASN A 5 8.39 5.07 20.14
N LEU A 6 9.07 4.56 19.14
CA LEU A 6 8.49 4.56 17.81
C LEU A 6 7.21 3.72 17.70
N PRO A 7 7.21 2.49 18.25
CA PRO A 7 5.96 1.71 18.12
C PRO A 7 4.76 2.39 18.77
N LYS A 8 4.92 2.98 19.95
CA LYS A 8 3.80 3.64 20.60
C LYS A 8 3.36 4.86 19.81
N GLN A 9 4.32 5.65 19.32
CA GLN A 9 3.99 6.86 18.57
C GLN A 9 3.22 6.53 17.30
N LEU A 10 3.70 5.54 16.56
CA LEU A 10 3.04 5.18 15.31
C LEU A 10 1.67 4.57 15.56
N THR A 11 1.50 3.83 16.65
CA THR A 11 0.22 3.23 16.97
C THR A 11 -0.80 4.30 17.36
N GLN A 12 -0.34 5.29 18.10
CA GLN A 12 -1.22 6.33 18.60
C GLN A 12 -1.71 7.28 17.51
N ALA A 13 -0.87 7.50 16.49
CA ALA A 13 -1.21 8.40 15.40
C ALA A 13 -2.43 7.88 14.65
N THR A 14 -3.17 8.78 14.00
CA THR A 14 -4.42 8.42 13.35
C THR A 14 -4.20 8.00 11.90
N GLN A 15 -4.74 6.84 11.53
CA GLN A 15 -4.68 6.39 10.14
C GLN A 15 -5.89 6.89 9.36
N VAL A 16 -5.64 7.25 8.11
CA VAL A 16 -6.70 7.62 7.18
C VAL A 16 -6.41 6.93 5.85
N ALA A 17 -7.45 6.27 5.31
CA ALA A 17 -7.33 5.63 4.01
C ALA A 17 -8.43 6.17 3.11
N TRP A 18 -8.04 6.71 1.97
CA TRP A 18 -8.94 7.44 1.07
C TRP A 18 -8.89 6.87 -0.34
N SER A 19 -10.07 6.74 -0.95
CA SER A 19 -10.23 6.33 -2.34
C SER A 19 -11.02 7.36 -3.10
N GLY A 20 -10.63 7.62 -4.34
CA GLY A 20 -11.39 8.50 -5.19
C GLY A 20 -10.65 8.77 -6.47
N PRO A 21 -11.27 9.56 -7.36
CA PRO A 21 -10.61 9.93 -8.61
C PRO A 21 -9.32 10.69 -8.35
N PRO A 22 -8.29 10.42 -9.15
CA PRO A 22 -7.00 11.07 -8.89
C PRO A 22 -6.93 12.46 -9.48
N PRO A 23 -5.98 13.29 -9.00
CA PRO A 23 -4.99 12.95 -7.97
C PRO A 23 -5.62 12.77 -6.59
N GLY A 24 -6.60 13.61 -6.26
CA GLY A 24 -7.27 13.52 -4.99
C GLY A 24 -6.45 14.03 -3.84
N PHE A 25 -7.02 13.95 -2.64
CA PHE A 25 -6.27 14.21 -1.43
C PHE A 25 -6.96 13.54 -0.25
N ALA A 26 -6.17 13.21 0.78
CA ALA A 26 -6.69 12.73 2.05
C ALA A 26 -6.32 13.75 3.11
N LYS A 27 -7.25 14.06 4.01
CA LYS A 27 -7.03 15.09 5.02
C LYS A 27 -6.87 14.46 6.39
N CYS A 28 -5.95 15.01 7.18
CA CYS A 28 -5.84 14.62 8.58
C CYS A 28 -7.03 15.16 9.37
N PRO A 29 -7.39 14.49 10.47
CA PRO A 29 -8.36 15.07 11.41
C PRO A 29 -7.90 16.45 11.85
N GLY A 30 -8.85 17.32 12.18
CA GLY A 30 -8.53 18.67 12.57
C GLY A 30 -7.46 18.74 13.64
N GLY A 31 -6.49 19.62 13.43
CA GLY A 31 -5.42 19.82 14.39
C GLY A 31 -4.27 18.85 14.25
N GLN A 32 -4.36 17.91 13.32
CA GLN A 32 -3.28 16.97 13.10
C GLN A 32 -2.62 17.20 11.74
N VAL A 33 -1.40 16.70 11.62
CA VAL A 33 -0.62 16.83 10.40
C VAL A 33 -0.03 15.48 10.03
N VAL A 34 0.38 15.35 8.77
CA VAL A 34 0.94 14.12 8.28
C VAL A 34 2.29 13.79 8.96
N ILE A 35 2.41 12.55 9.42
CA ILE A 35 3.68 11.99 9.87
C ILE A 35 4.34 11.24 8.71
N LEU A 36 3.54 10.46 8.01
CA LEU A 36 4.03 9.66 6.88
C LEU A 36 2.80 9.22 6.10
N GLY A 37 3.04 8.73 4.89
CA GLY A 37 1.95 8.21 4.09
C GLY A 37 2.37 8.07 2.65
N PHE A 38 1.44 7.57 1.83
CA PHE A 38 1.71 7.44 0.41
C PHE A 38 0.45 7.76 -0.38
N ALA A 39 0.66 8.09 -1.64
CA ALA A 39 -0.44 8.27 -2.57
C ALA A 39 -0.14 7.46 -3.80
N MET A 40 -1.13 6.67 -4.22
N MET A 40 -1.11 6.65 -4.22
CA MET A 40 -1.04 5.89 -5.44
CA MET A 40 -0.97 5.88 -5.46
C MET A 40 -1.96 6.43 -6.53
C MET A 40 -1.96 6.33 -6.52
N HIS A 41 -1.52 6.25 -7.76
CA HIS A 41 -2.38 6.33 -8.93
C HIS A 41 -2.39 4.89 -9.47
N LEU A 42 -3.56 4.34 -9.74
CA LEU A 42 -3.68 2.97 -10.22
C LEU A 42 -4.74 2.89 -11.31
N ASN A 43 -4.54 2.03 -12.28
CA ASN A 43 -5.55 1.76 -13.30
C ASN A 43 -5.26 0.35 -13.77
N PHE A 44 -6.14 -0.60 -13.47
CA PHE A 44 -5.89 -2.00 -13.80
C PHE A 44 -6.68 -2.45 -15.02
N LYS A 45 -7.01 -1.50 -15.89
N LYS A 45 -7.02 -1.50 -15.89
CA LYS A 45 -7.69 -1.83 -17.14
CA LYS A 45 -7.69 -1.83 -17.14
C LYS A 45 -6.92 -1.34 -18.36
C LYS A 45 -6.92 -1.35 -18.36
N GLU A 46 -6.47 -0.09 -18.33
CA GLU A 46 -5.81 0.48 -19.50
C GLU A 46 -4.44 -0.14 -19.76
N PRO A 47 -4.01 -0.17 -21.03
CA PRO A 47 -2.70 -0.77 -21.34
C PRO A 47 -1.51 0.01 -20.79
N GLY A 48 -0.37 -0.68 -20.67
CA GLY A 48 0.86 -0.04 -20.25
C GLY A 48 0.98 0.09 -18.74
N THR A 49 2.08 0.69 -18.29
CA THR A 49 2.34 0.80 -16.86
C THR A 49 2.49 2.24 -16.39
N ASP A 50 2.26 3.22 -17.26
CA ASP A 50 2.39 4.60 -16.83
C ASP A 50 1.35 4.98 -15.78
N ASN A 51 0.22 4.27 -15.75
CA ASN A 51 -0.84 4.61 -14.81
C ASN A 51 -0.61 4.10 -13.38
N PHE A 52 0.53 3.46 -13.15
CA PHE A 52 0.88 3.00 -11.81
C PHE A 52 1.97 3.88 -11.24
N ARG A 53 1.67 4.51 -10.11
CA ARG A 53 2.60 5.45 -9.51
C ARG A 53 2.40 5.45 -8.01
N ILE A 54 3.49 5.62 -7.27
CA ILE A 54 3.40 5.86 -5.83
C ILE A 54 4.33 7.01 -5.48
N ILE A 55 3.83 7.91 -4.64
CA ILE A 55 4.64 8.99 -4.09
C ILE A 55 4.43 9.03 -2.58
N SER A 56 5.36 9.68 -1.89
CA SER A 56 5.21 9.88 -0.47
C SER A 56 4.29 11.05 -0.16
N CYS A 57 3.75 11.04 1.05
CA CYS A 57 3.01 12.14 1.60
C CYS A 57 3.92 12.92 2.52
N PRO A 58 4.32 14.15 2.11
CA PRO A 58 5.30 14.85 2.93
C PRO A 58 4.78 15.25 4.31
N PRO A 59 5.66 15.23 5.31
CA PRO A 59 5.23 15.45 6.68
C PRO A 59 4.93 16.90 7.01
N GLY A 60 4.03 17.10 7.97
CA GLY A 60 3.76 18.42 8.49
C GLY A 60 2.68 19.17 7.74
N ARG A 61 2.15 18.55 6.69
CA ARG A 61 1.03 19.11 5.96
C ARG A 61 -0.28 18.61 6.58
N GLU A 62 -1.34 19.38 6.42
CA GLU A 62 -2.66 19.00 6.93
C GLU A 62 -3.35 17.94 6.07
N LYS A 63 -2.85 17.74 4.85
CA LYS A 63 -3.40 16.76 3.93
C LYS A 63 -2.28 16.16 3.09
N CYS A 64 -2.58 15.06 2.43
CA CYS A 64 -1.70 14.53 1.41
C CYS A 64 -2.40 14.60 0.07
N ASP A 65 -1.80 15.32 -0.86
CA ASP A 65 -2.28 15.38 -2.23
C ASP A 65 -1.71 14.22 -3.03
N GLY A 66 -2.55 13.70 -3.92
CA GLY A 66 -2.17 12.58 -4.75
C GLY A 66 -1.45 12.94 -6.02
N VAL A 67 -1.50 12.03 -6.99
CA VAL A 67 -0.65 12.13 -8.16
C VAL A 67 -1.38 11.56 -9.37
N GLY A 68 -1.01 12.08 -10.53
CA GLY A 68 -1.56 11.58 -11.78
C GLY A 68 -2.93 12.15 -12.09
N THR A 69 -3.49 11.69 -13.21
CA THR A 69 -4.67 12.33 -13.76
C THR A 69 -5.86 11.38 -13.89
N ALA A 70 -7.05 11.97 -13.87
CA ALA A 70 -8.29 11.25 -14.08
C ALA A 70 -8.64 11.30 -15.55
N SER A 71 -7.95 10.50 -16.36
CA SER A 71 -8.12 10.53 -17.80
C SER A 71 -9.23 9.60 -18.26
N SER A 72 -9.44 8.52 -17.50
CA SER A 72 -10.57 7.62 -17.74
C SER A 72 -11.22 7.23 -16.42
N GLU A 73 -12.40 6.65 -16.47
CA GLU A 73 -13.11 6.27 -15.26
C GLU A 73 -12.37 5.18 -14.47
N THR A 74 -11.48 4.46 -15.14
CA THR A 74 -10.70 3.40 -14.50
C THR A 74 -9.44 3.91 -13.80
N ASP A 75 -9.14 5.21 -13.92
CA ASP A 75 -8.04 5.82 -13.18
C ASP A 75 -8.52 6.10 -11.76
N GLU A 76 -7.78 5.64 -10.76
CA GLU A 76 -8.17 5.84 -9.38
C GLU A 76 -6.99 6.23 -8.53
N GLY A 77 -7.29 6.98 -7.47
CA GLY A 77 -6.30 7.31 -6.46
C GLY A 77 -6.57 6.52 -5.18
N ARG A 78 -5.49 6.16 -4.49
CA ARG A 78 -5.57 5.52 -3.18
C ARG A 78 -4.53 6.22 -2.31
N ILE A 79 -4.95 6.85 -1.24
CA ILE A 79 -4.05 7.65 -0.41
C ILE A 79 -4.17 7.16 1.01
N TYR A 80 -3.02 6.95 1.65
CA TYR A 80 -2.94 6.46 3.01
C TYR A 80 -2.04 7.42 3.80
N ILE A 81 -2.57 7.93 4.91
CA ILE A 81 -1.77 8.80 5.77
C ILE A 81 -1.87 8.39 7.23
N LEU A 82 -0.80 8.70 7.95
CA LEU A 82 -0.76 8.60 9.39
C LEU A 82 -0.57 10.03 9.90
N CYS A 83 -1.46 10.48 10.79
CA CYS A 83 -1.53 11.86 11.23
C CYS A 83 -1.30 11.95 12.72
N GLY A 84 -0.61 13.00 13.15
CA GLY A 84 -0.40 13.24 14.56
C GLY A 84 -0.32 14.71 14.86
N GLU A 85 0.02 15.04 16.10
CA GLU A 85 0.09 16.43 16.52
C GLU A 85 1.24 17.14 15.81
N GLU A 86 2.32 16.42 15.56
CA GLU A 86 3.46 16.95 14.84
C GLU A 86 4.20 15.83 14.14
N PRO A 87 5.06 16.18 13.18
CA PRO A 87 5.88 15.16 12.53
C PRO A 87 6.88 14.52 13.47
N ILE A 88 7.36 13.36 13.07
CA ILE A 88 8.51 12.73 13.67
C ILE A 88 9.67 13.04 12.74
N ASN A 89 10.46 14.04 13.08
CA ASN A 89 11.43 14.59 12.13
C ASN A 89 12.52 13.60 11.73
N GLU A 90 12.73 12.58 12.55
CA GLU A 90 13.73 11.56 12.26
C GLU A 90 13.32 10.60 11.15
N ILE A 91 12.03 10.62 10.78
CA ILE A 91 11.54 9.78 9.69
C ILE A 91 11.79 10.47 8.33
N GLN A 92 12.25 9.68 7.37
CA GLN A 92 12.40 10.14 5.99
C GLN A 92 11.84 9.06 5.08
N GLN A 93 11.03 9.47 4.11
CA GLN A 93 10.37 8.55 3.21
C GLN A 93 11.08 8.49 1.86
N VAL A 94 10.98 7.34 1.21
CA VAL A 94 11.61 7.09 -0.07
C VAL A 94 10.63 6.33 -0.95
N VAL A 95 10.53 6.72 -2.21
CA VAL A 95 9.83 5.93 -3.22
C VAL A 95 10.75 5.66 -4.39
N ALA A 96 10.43 4.62 -5.13
CA ALA A 96 11.15 4.31 -6.36
C ALA A 96 10.24 3.56 -7.30
N GLU A 97 10.51 3.67 -8.59
CA GLU A 97 9.80 2.86 -9.55
C GLU A 97 10.70 2.52 -10.71
N SER A 98 10.37 1.44 -11.40
CA SER A 98 11.10 1.04 -12.57
C SER A 98 10.62 1.83 -13.78
N PRO A 99 11.44 1.85 -14.82
CA PRO A 99 10.96 2.36 -16.10
C PRO A 99 9.89 1.43 -16.66
N ALA A 100 9.18 1.87 -17.69
CA ALA A 100 8.25 0.98 -18.37
C ALA A 100 9.04 -0.21 -18.95
N HIS A 101 8.39 -1.37 -19.06
CA HIS A 101 9.03 -2.56 -19.60
C HIS A 101 10.28 -2.91 -18.79
N ALA A 102 10.09 -3.14 -17.50
CA ALA A 102 11.21 -3.28 -16.56
C ALA A 102 12.01 -4.57 -16.79
N GLY A 103 11.41 -5.54 -17.46
CA GLY A 103 12.08 -6.81 -17.71
C GLY A 103 12.37 -7.56 -16.42
N ALA A 104 13.53 -8.20 -16.37
CA ALA A 104 13.93 -8.99 -15.21
C ALA A 104 14.59 -8.10 -14.16
N SER A 105 14.37 -6.79 -14.25
CA SER A 105 15.07 -5.85 -13.40
C SER A 105 14.50 -5.82 -11.99
N VAL A 106 15.36 -6.01 -11.01
CA VAL A 106 14.98 -5.85 -9.61
C VAL A 106 15.05 -4.38 -9.27
N LEU A 107 14.00 -3.87 -8.68
CA LEU A 107 13.95 -2.49 -8.24
C LEU A 107 14.59 -2.37 -6.86
N GLU A 108 15.49 -1.39 -6.71
N GLU A 108 15.42 -1.35 -6.68
CA GLU A 108 16.11 -1.14 -5.42
CA GLU A 108 16.15 -1.16 -5.43
C GLU A 108 15.94 0.32 -5.02
C GLU A 108 16.13 0.30 -5.00
N ALA A 109 15.86 0.53 -3.71
CA ALA A 109 15.92 1.87 -3.14
C ALA A 109 16.63 1.77 -1.80
N SER A 110 17.40 2.80 -1.45
CA SER A 110 18.13 2.81 -0.19
C SER A 110 17.66 3.94 0.71
N CYS A 111 17.77 3.72 2.01
CA CYS A 111 17.53 4.78 2.97
C CYS A 111 18.63 5.82 2.93
N PRO A 112 18.30 7.07 3.26
CA PRO A 112 19.33 8.10 3.35
C PRO A 112 20.38 7.75 4.39
N ASP A 113 21.57 8.29 4.22
CA ASP A 113 22.69 8.01 5.12
C ASP A 113 22.30 8.05 6.60
N GLU A 114 22.77 7.05 7.34
CA GLU A 114 22.59 6.98 8.79
C GLU A 114 21.15 6.66 9.19
N THR A 115 20.33 6.25 8.23
CA THR A 115 19.00 5.78 8.57
C THR A 115 18.81 4.33 8.11
N VAL A 116 17.82 3.68 8.71
CA VAL A 116 17.48 2.31 8.38
C VAL A 116 15.98 2.21 8.17
N VAL A 117 15.54 1.13 7.54
CA VAL A 117 14.14 0.91 7.23
C VAL A 117 13.31 0.77 8.49
N VAL A 118 12.20 1.51 8.52
CA VAL A 118 11.10 1.25 9.46
C VAL A 118 10.17 0.23 8.83
N GLY A 119 9.73 0.51 7.62
CA GLY A 119 8.88 -0.42 6.89
C GLY A 119 8.51 0.14 5.55
N GLY A 120 7.67 -0.62 4.84
CA GLY A 120 7.21 -0.25 3.53
C GLY A 120 6.88 -1.48 2.73
N PHE A 121 6.63 -1.28 1.45
CA PHE A 121 6.25 -2.39 0.59
C PHE A 121 6.56 -2.03 -0.85
N GLY A 122 6.68 -3.06 -1.67
CA GLY A 122 6.83 -2.90 -3.10
C GLY A 122 5.78 -3.72 -3.82
N ILE A 123 5.35 -3.23 -4.98
CA ILE A 123 4.33 -3.86 -5.79
C ILE A 123 4.86 -4.02 -7.20
N SER A 124 4.50 -5.13 -7.83
CA SER A 124 4.79 -5.34 -9.24
C SER A 124 3.46 -5.53 -9.95
N VAL A 125 3.34 -4.98 -11.16
CA VAL A 125 2.09 -4.90 -11.88
C VAL A 125 2.34 -5.03 -13.37
N ARG A 126 1.26 -5.21 -14.10
CA ARG A 126 1.25 -5.15 -15.55
C ARG A 126 -0.06 -4.47 -15.92
N GLY A 127 -0.08 -3.73 -17.02
CA GLY A 127 -1.29 -3.08 -17.46
C GLY A 127 -2.20 -3.99 -18.26
N GLY A 128 -3.25 -3.42 -18.82
CA GLY A 128 -4.23 -4.20 -19.56
C GLY A 128 -5.26 -4.82 -18.66
N SER A 129 -6.37 -5.27 -19.26
CA SER A 129 -7.52 -5.73 -18.47
C SER A 129 -7.19 -7.02 -17.69
N ASP A 130 -6.20 -7.76 -18.15
CA ASP A 130 -5.76 -8.97 -17.47
C ASP A 130 -4.48 -8.77 -16.66
N GLY A 131 -4.00 -7.54 -16.57
CA GLY A 131 -2.70 -7.29 -15.97
C GLY A 131 -2.57 -7.67 -14.50
N LEU A 132 -3.67 -7.67 -13.77
CA LEU A 132 -3.63 -8.10 -12.38
C LEU A 132 -3.20 -9.55 -12.22
N ASP A 133 -3.22 -10.33 -13.31
CA ASP A 133 -2.68 -11.67 -13.24
C ASP A 133 -1.20 -11.65 -12.83
N SER A 134 -0.53 -10.50 -13.00
CA SER A 134 0.89 -10.38 -12.69
C SER A 134 1.15 -9.62 -11.39
N PHE A 135 0.11 -9.38 -10.59
CA PHE A 135 0.24 -8.56 -9.39
C PHE A 135 0.99 -9.29 -8.29
N SER A 136 1.88 -8.57 -7.61
CA SER A 136 2.51 -9.11 -6.40
C SER A 136 2.86 -7.96 -5.45
N ILE A 137 3.00 -8.32 -4.18
CA ILE A 137 3.46 -7.37 -3.17
C ILE A 137 4.48 -8.04 -2.28
N GLU A 138 5.50 -7.28 -1.91
CA GLU A 138 6.52 -7.73 -0.96
C GLU A 138 6.71 -6.62 0.08
N SER A 139 7.07 -6.99 1.31
CA SER A 139 7.36 -5.98 2.33
C SER A 139 8.83 -5.61 2.36
N CYS A 140 9.09 -4.39 2.82
CA CYS A 140 10.43 -3.97 3.18
C CYS A 140 10.67 -4.40 4.62
N THR A 141 11.95 -4.55 4.98
CA THR A 141 12.31 -5.20 6.22
C THR A 141 13.01 -4.24 7.18
N THR A 142 12.42 -4.12 8.37
CA THR A 142 12.93 -3.23 9.40
C THR A 142 14.40 -3.50 9.68
N GLY A 143 15.19 -2.44 9.73
CA GLY A 143 16.58 -2.55 10.13
C GLY A 143 17.57 -2.71 8.99
N GLN A 144 17.09 -2.87 7.76
CA GLN A 144 17.98 -2.88 6.61
C GLN A 144 18.25 -1.46 6.12
N THR A 145 19.17 -1.31 5.17
CA THR A 145 19.39 0.01 4.57
C THR A 145 18.76 0.10 3.18
N ILE A 146 18.10 -0.97 2.76
CA ILE A 146 17.63 -1.13 1.39
C ILE A 146 16.29 -1.80 1.38
N CYS A 147 15.51 -1.56 0.33
CA CYS A 147 14.34 -2.37 0.03
C CYS A 147 14.36 -2.66 -1.46
N THR A 148 13.97 -3.88 -1.83
CA THR A 148 13.94 -4.28 -3.23
C THR A 148 12.62 -4.95 -3.57
N LYS A 149 12.28 -4.94 -4.85
CA LYS A 149 11.10 -5.61 -5.36
C LYS A 149 11.48 -6.28 -6.66
N ALA A 150 11.25 -7.58 -6.74
CA ALA A 150 11.60 -8.35 -7.92
C ALA A 150 10.35 -8.64 -8.74
N PRO A 151 10.51 -8.77 -10.06
CA PRO A 151 9.36 -9.07 -10.93
C PRO A 151 8.81 -10.47 -10.68
N THR A 152 7.52 -10.65 -10.93
CA THR A 152 6.88 -11.94 -10.73
C THR A 152 5.80 -12.13 -11.77
N ARG A 153 5.64 -13.36 -12.23
CA ARG A 153 4.48 -13.75 -13.02
C ARG A 153 4.18 -12.79 -14.16
N GLY A 154 5.21 -12.34 -14.84
CA GLY A 154 5.05 -11.55 -16.04
C GLY A 154 4.85 -10.05 -15.82
N SER A 155 5.14 -9.58 -14.62
CA SER A 155 5.00 -8.15 -14.33
C SER A 155 5.92 -7.32 -15.21
N GLU A 156 5.51 -6.07 -15.44
CA GLU A 156 6.26 -5.15 -16.31
C GLU A 156 6.71 -3.88 -15.60
N LYS A 157 6.27 -3.67 -14.37
CA LYS A 157 6.70 -2.51 -13.62
C LYS A 157 6.73 -2.83 -12.14
N ASN A 158 7.72 -2.26 -11.46
CA ASN A 158 7.86 -2.37 -10.01
C ASN A 158 7.82 -0.97 -9.42
N PHE A 159 7.23 -0.84 -8.24
CA PHE A 159 7.32 0.41 -7.50
C PHE A 159 7.28 0.12 -6.02
N LEU A 160 7.84 1.01 -5.22
CA LEU A 160 7.86 0.80 -3.77
C LEU A 160 7.86 2.10 -3.02
N TRP A 161 7.41 2.02 -1.76
CA TRP A 161 7.43 3.14 -0.83
C TRP A 161 7.93 2.60 0.48
N MET A 162 8.79 3.37 1.16
CA MET A 162 9.25 2.98 2.47
C MET A 162 9.51 4.19 3.34
N MET A 163 9.54 3.93 4.65
N MET A 163 9.58 3.91 4.64
CA MET A 163 9.94 4.91 5.65
CA MET A 163 9.94 4.88 5.66
C MET A 163 11.24 4.47 6.32
C MET A 163 11.27 4.45 6.24
N CYS A 164 12.17 5.41 6.48
CA CYS A 164 13.45 5.17 7.12
C CYS A 164 13.54 6.05 8.36
N VAL A 165 14.38 5.67 9.33
CA VAL A 165 14.54 6.47 10.53
C VAL A 165 15.97 6.39 11.03
N ASP A 166 16.41 7.38 11.77
CA ASP A 166 17.71 7.35 12.40
C ASP A 166 17.88 6.03 13.10
N LYS A 167 19.04 5.41 12.93
CA LYS A 167 19.21 4.02 13.35
C LYS A 167 19.08 3.75 14.85
N GLN A 168 19.24 4.78 15.68
CA GLN A 168 19.16 4.59 17.13
C GLN A 168 17.79 4.93 17.71
N TYR A 169 16.79 5.14 16.88
CA TYR A 169 15.51 5.62 17.38
C TYR A 169 14.89 4.58 18.32
N PRO A 170 14.49 4.99 19.53
CA PRO A 170 13.99 4.01 20.50
C PRO A 170 12.79 3.19 20.01
N GLY A 171 12.88 1.88 20.19
CA GLY A 171 11.77 0.99 19.93
C GLY A 171 11.72 0.43 18.53
N LEU A 172 12.59 0.91 17.65
CA LEU A 172 12.57 0.49 16.26
C LEU A 172 12.62 -1.03 16.16
N ARG A 173 13.41 -1.62 17.06
CA ARG A 173 13.65 -3.05 17.10
C ARG A 173 12.39 -3.87 17.30
N GLU A 174 11.37 -3.23 17.88
CA GLU A 174 10.13 -3.92 18.22
C GLU A 174 9.19 -4.10 17.03
N LEU A 175 9.54 -3.52 15.89
CA LEU A 175 8.67 -3.51 14.72
C LEU A 175 8.99 -4.60 13.72
N VAL A 176 7.95 -5.05 13.03
CA VAL A 176 8.06 -6.06 11.99
C VAL A 176 7.03 -5.76 10.90
N ASN A 177 7.42 -5.95 9.65
CA ASN A 177 6.55 -5.73 8.50
C ASN A 177 6.01 -7.05 7.98
N VAL A 178 4.74 -7.02 7.54
CA VAL A 178 4.11 -8.14 6.88
C VAL A 178 3.32 -7.62 5.69
N ALA A 179 3.59 -8.17 4.51
CA ALA A 179 2.71 -7.93 3.36
C ALA A 179 2.15 -9.28 2.92
N GLU A 180 0.95 -9.25 2.35
CA GLU A 180 0.28 -10.48 1.96
C GLU A 180 -0.54 -10.26 0.71
N LEU A 181 -0.40 -11.18 -0.23
CA LEU A 181 -1.33 -11.30 -1.35
C LEU A 181 -2.31 -12.41 -1.01
N GLY A 182 -3.58 -12.03 -0.88
CA GLY A 182 -4.65 -12.99 -0.66
C GLY A 182 -5.23 -13.48 -1.96
N SER A 183 -6.53 -13.69 -1.99
CA SER A 183 -7.21 -14.22 -3.17
C SER A 183 -7.00 -13.30 -4.36
N HIS A 184 -6.72 -13.90 -5.50
CA HIS A 184 -6.50 -13.12 -6.70
C HIS A 184 -6.79 -13.99 -7.91
N GLY A 185 -7.13 -13.34 -9.02
CA GLY A 185 -7.56 -14.01 -10.23
C GLY A 185 -8.79 -13.35 -10.79
N ASN A 186 -9.67 -14.13 -11.40
CA ASN A 186 -10.92 -13.58 -11.91
C ASN A 186 -11.84 -13.19 -10.76
N ALA A 187 -12.48 -12.02 -10.87
CA ALA A 187 -13.49 -11.62 -9.90
C ALA A 187 -14.73 -12.50 -10.07
N ASN A 188 -15.49 -12.62 -8.99
CA ASN A 188 -16.65 -13.50 -8.94
C ASN A 188 -17.85 -12.74 -8.37
N LYS A 189 -18.74 -12.29 -9.24
CA LYS A 189 -19.89 -11.53 -8.79
C LYS A 189 -20.92 -12.39 -8.08
N ARG A 190 -20.74 -13.71 -8.09
CA ARG A 190 -21.65 -14.60 -7.38
C ARG A 190 -21.39 -14.62 -5.89
N ALA A 191 -20.22 -14.11 -5.47
CA ALA A 191 -19.81 -14.15 -4.08
C ALA A 191 -20.06 -12.78 -3.45
N VAL A 192 -21.25 -12.62 -2.90
CA VAL A 192 -21.71 -11.32 -2.39
C VAL A 192 -20.84 -10.87 -1.22
N ASN A 193 -20.01 -9.86 -1.46
CA ASN A 193 -19.08 -9.34 -0.47
C ASN A 193 -18.26 -10.45 0.19
N SER A 194 -18.00 -11.52 -0.57
CA SER A 194 -17.26 -12.67 -0.06
C SER A 194 -16.39 -13.26 -1.15
N ASP A 195 -15.92 -12.41 -2.04
CA ASP A 195 -15.16 -12.86 -3.21
C ASP A 195 -13.70 -13.00 -2.84
N GLY A 196 -13.38 -14.10 -2.17
CA GLY A 196 -12.05 -14.29 -1.65
C GLY A 196 -11.78 -13.37 -0.47
N ASN A 197 -10.54 -13.41 0.01
CA ASN A 197 -10.16 -12.57 1.12
C ASN A 197 -8.66 -12.38 1.18
N VAL A 198 -8.25 -11.40 1.96
CA VAL A 198 -6.87 -11.27 2.39
C VAL A 198 -6.87 -11.29 3.92
N ASP A 199 -5.86 -11.93 4.48
CA ASP A 199 -5.71 -12.03 5.92
C ASP A 199 -4.24 -11.76 6.21
N VAL A 200 -3.92 -10.52 6.57
CA VAL A 200 -2.54 -10.14 6.88
C VAL A 200 -2.32 -10.37 8.35
N LYS A 201 -1.44 -11.30 8.69
CA LYS A 201 -1.27 -11.73 10.08
C LYS A 201 0.03 -11.23 10.68
N CYS A 202 -0.05 -10.70 11.89
CA CYS A 202 1.16 -10.44 12.66
C CYS A 202 1.79 -11.76 13.06
N PRO A 203 3.12 -11.81 13.17
CA PRO A 203 3.78 -12.98 13.76
C PRO A 203 3.32 -13.12 15.21
N ALA A 204 3.53 -14.29 15.81
CA ALA A 204 3.06 -14.51 17.18
C ALA A 204 3.66 -13.48 18.14
N ASN A 205 2.86 -13.09 19.12
CA ASN A 205 3.30 -12.15 20.17
C ASN A 205 3.57 -10.74 19.66
N SER A 206 2.97 -10.39 18.53
N SER A 206 2.96 -10.39 18.53
CA SER A 206 2.98 -9.02 18.06
CA SER A 206 2.99 -9.02 18.04
C SER A 206 1.57 -8.61 17.67
C SER A 206 1.60 -8.60 17.54
N SER A 207 1.34 -7.30 17.63
CA SER A 207 0.03 -6.78 17.28
C SER A 207 0.19 -5.55 16.40
N ILE A 208 -0.89 -5.18 15.74
CA ILE A 208 -0.83 -4.18 14.69
C ILE A 208 -0.50 -2.78 15.21
N VAL A 209 0.43 -2.14 14.52
CA VAL A 209 0.72 -0.73 14.70
C VAL A 209 -0.15 0.06 13.72
N LEU A 210 -0.03 -0.28 12.44
CA LEU A 210 -0.74 0.41 11.39
C LEU A 210 -0.73 -0.51 10.17
N GLY A 211 -1.56 -0.18 9.18
CA GLY A 211 -1.48 -0.88 7.91
C GLY A 211 -2.74 -0.66 7.10
N TYR A 212 -2.83 -1.35 5.98
CA TYR A 212 -4.04 -1.26 5.16
C TYR A 212 -4.28 -2.59 4.46
N VAL A 213 -5.53 -2.76 4.05
CA VAL A 213 -5.92 -3.82 3.11
C VAL A 213 -6.67 -3.17 1.95
N MET A 214 -6.52 -3.75 0.77
CA MET A 214 -7.13 -3.19 -0.42
C MET A 214 -7.54 -4.31 -1.38
N GLU A 215 -8.62 -4.08 -2.12
CA GLU A 215 -8.93 -4.90 -3.28
C GLU A 215 -8.48 -4.15 -4.54
N ALA A 216 -7.46 -4.67 -5.21
CA ALA A 216 -7.12 -4.22 -6.55
C ALA A 216 -8.13 -4.86 -7.49
N HIS A 217 -8.52 -4.15 -8.53
CA HIS A 217 -9.58 -4.62 -9.40
C HIS A 217 -9.41 -3.94 -10.74
N THR A 218 -9.74 -4.66 -11.81
CA THR A 218 -9.72 -4.09 -13.16
C THR A 218 -10.44 -2.74 -13.18
N ASN A 219 -11.57 -2.67 -12.48
CA ASN A 219 -12.33 -1.43 -12.34
C ASN A 219 -12.24 -0.89 -10.91
N MET A 220 -11.14 -0.20 -10.62
CA MET A 220 -10.89 0.32 -9.29
C MET A 220 -11.99 1.24 -8.81
N GLN A 221 -12.70 1.84 -9.75
CA GLN A 221 -13.73 2.81 -9.41
C GLN A 221 -14.97 2.15 -8.80
N PHE A 222 -15.06 0.82 -8.87
CA PHE A 222 -16.20 0.08 -8.29
C PHE A 222 -15.86 -0.58 -6.95
N VAL A 223 -14.64 -0.39 -6.47
CA VAL A 223 -14.23 -0.99 -5.19
C VAL A 223 -13.56 0.04 -4.29
N ARG A 224 -14.04 1.28 -4.34
CA ARG A 224 -13.47 2.33 -3.51
C ARG A 224 -13.58 2.02 -2.02
N ASP A 225 -14.66 1.31 -1.64
CA ASP A 225 -14.87 0.99 -0.23
C ASP A 225 -13.93 -0.11 0.25
N LYS A 226 -13.30 -0.82 -0.67
CA LYS A 226 -12.38 -1.89 -0.32
C LYS A 226 -10.94 -1.35 -0.22
N PHE A 227 -10.77 -0.38 0.67
CA PHE A 227 -9.46 0.15 1.01
C PHE A 227 -9.63 0.69 2.42
N LEU A 228 -9.07 -0.03 3.38
CA LEU A 228 -9.31 0.26 4.77
C LEU A 228 -8.03 0.16 5.56
N GLN A 229 -7.91 0.99 6.57
CA GLN A 229 -6.82 0.93 7.52
C GLN A 229 -6.99 -0.30 8.39
N CYS A 230 -5.88 -0.77 8.95
CA CYS A 230 -5.89 -1.96 9.77
C CYS A 230 -5.98 -1.61 11.25
N PRO A 231 -6.67 -2.45 12.03
CA PRO A 231 -7.01 -2.08 13.42
C PRO A 231 -5.82 -2.21 14.37
N GLU A 232 -5.56 -1.11 15.09
CA GLU A 232 -4.50 -1.08 16.07
C GLU A 232 -4.65 -2.20 17.09
N ASN A 233 -3.54 -2.88 17.37
N ASN A 233 -3.54 -2.87 17.38
CA ASN A 233 -3.44 -3.86 18.45
CA ASN A 233 -3.48 -3.89 18.44
C ASN A 233 -4.18 -5.18 18.16
C ASN A 233 -4.34 -5.11 18.21
N ALA A 234 -4.73 -5.33 16.95
CA ALA A 234 -5.30 -6.61 16.56
C ALA A 234 -4.17 -7.53 16.13
N SER A 235 -4.45 -8.81 16.00
CA SER A 235 -3.43 -9.78 15.61
C SER A 235 -3.35 -9.92 14.09
N GLU A 236 -4.34 -9.39 13.38
CA GLU A 236 -4.43 -9.56 11.95
C GLU A 236 -5.39 -8.56 11.37
N CYS A 237 -5.34 -8.43 10.05
CA CYS A 237 -6.16 -7.48 9.32
C CYS A 237 -6.76 -8.21 8.14
N LYS A 238 -8.09 -8.20 8.06
CA LYS A 238 -8.83 -9.02 7.10
C LYS A 238 -9.77 -8.18 6.24
N MET A 239 -9.95 -8.59 4.99
N MET A 239 -9.98 -8.62 5.01
CA MET A 239 -10.90 -7.97 4.07
CA MET A 239 -11.00 -8.03 4.18
C MET A 239 -11.38 -9.01 3.05
C MET A 239 -11.40 -9.00 3.08
N THR A 240 -12.68 -9.00 2.74
CA THR A 240 -13.21 -9.85 1.69
C THR A 240 -13.29 -9.08 0.39
N GLY A 241 -13.28 -9.80 -0.72
CA GLY A 241 -13.54 -9.20 -2.00
C GLY A 241 -15.01 -8.81 -2.15
N LYS A 242 -15.24 -7.70 -2.87
N LYS A 242 -15.25 -7.72 -2.88
CA LYS A 242 -16.60 -7.18 -3.05
CA LYS A 242 -16.59 -7.18 -3.03
C LYS A 242 -17.51 -8.12 -3.82
C LYS A 242 -17.51 -8.10 -3.84
N GLY A 243 -16.94 -8.79 -4.82
CA GLY A 243 -17.74 -9.62 -5.71
C GLY A 243 -18.36 -8.77 -6.80
N VAL A 244 -17.53 -8.09 -7.58
CA VAL A 244 -18.03 -7.26 -8.66
C VAL A 244 -17.27 -7.60 -9.94
N ASP A 245 -18.01 -7.62 -11.04
CA ASP A 245 -17.43 -8.00 -12.32
C ASP A 245 -18.19 -7.30 -13.43
N HIS A 246 -17.54 -6.32 -14.04
CA HIS A 246 -18.12 -5.54 -15.12
C HIS A 246 -17.44 -5.89 -16.43
N GLY A 247 -16.85 -7.08 -16.50
CA GLY A 247 -16.22 -7.53 -17.72
C GLY A 247 -17.21 -7.57 -18.86
N MET A 248 -16.73 -7.20 -20.05
CA MET A 248 -17.53 -7.21 -21.25
C MET A 248 -17.79 -8.65 -21.71
N LEU A 249 -19.06 -8.97 -21.96
CA LEU A 249 -19.50 -10.27 -22.47
C LEU A 249 -18.91 -11.44 -21.67
N TRP A 250 -17.91 -12.12 -22.21
CA TRP A 250 -17.34 -13.30 -21.57
C TRP A 250 -16.07 -13.04 -20.77
N LEU A 251 -15.57 -11.81 -20.84
CA LEU A 251 -14.37 -11.45 -20.11
C LEU A 251 -14.68 -11.32 -18.63
N PHE A 252 -13.77 -11.80 -17.79
CA PHE A 252 -13.85 -11.55 -16.35
C PHE A 252 -12.92 -10.44 -15.94
N ASP A 253 -13.46 -9.44 -15.25
CA ASP A 253 -12.60 -8.52 -14.54
C ASP A 253 -11.71 -9.33 -13.61
N ARG A 254 -10.52 -8.80 -13.37
CA ARG A 254 -9.56 -9.41 -12.43
C ARG A 254 -9.63 -8.67 -11.11
N HIS A 255 -9.16 -9.34 -10.07
CA HIS A 255 -8.96 -8.67 -8.79
C HIS A 255 -7.82 -9.32 -8.00
N ALA A 256 -7.37 -8.60 -6.98
CA ALA A 256 -6.33 -9.11 -6.10
C ALA A 256 -6.52 -8.44 -4.74
N LEU A 257 -6.79 -9.25 -3.73
CA LEU A 257 -6.89 -8.75 -2.36
C LEU A 257 -5.50 -8.80 -1.73
N PHE A 258 -5.05 -7.69 -1.15
CA PHE A 258 -3.72 -7.63 -0.60
C PHE A 258 -3.66 -6.63 0.54
N GLY A 259 -2.54 -6.64 1.25
CA GLY A 259 -2.37 -5.68 2.32
C GLY A 259 -0.97 -5.69 2.90
N TRP A 260 -0.74 -4.75 3.80
CA TRP A 260 0.55 -4.56 4.42
C TRP A 260 0.32 -3.97 5.81
N ILE A 261 1.03 -4.52 6.79
CA ILE A 261 0.96 -4.03 8.16
C ILE A 261 2.35 -3.93 8.75
N ILE A 262 2.47 -3.07 9.75
CA ILE A 262 3.56 -3.13 10.70
C ILE A 262 2.98 -3.61 12.01
N CYS A 263 3.65 -4.57 12.63
CA CYS A 263 3.26 -5.04 13.96
C CYS A 263 4.36 -4.68 14.95
N LYS A 264 4.02 -4.70 16.24
CA LYS A 264 4.99 -4.44 17.30
C LYS A 264 4.87 -5.51 18.37
N THR A 265 5.95 -5.70 19.13
CA THR A 265 5.92 -6.68 20.20
C THR A 265 4.92 -6.26 21.29
N VAL A 266 4.22 -7.24 21.87
CA VAL A 266 3.31 -6.95 22.97
C VAL A 266 4.01 -7.23 24.29
MG MG B . 10.40 -6.46 9.30
MG MG C . 1.26 -15.17 1.47
CL CL D . -11.25 -13.57 -19.05
#